data_7A9W
#
_entry.id   7A9W
#
_cell.length_a   106.670
_cell.length_b   106.670
_cell.length_c   128.160
_cell.angle_alpha   90.000
_cell.angle_beta   90.000
_cell.angle_gamma   120.000
#
_symmetry.space_group_name_H-M   'P 31 2 1'
#
loop_
_entity.id
_entity.type
_entity.pdbx_description
1 polymer 'Protein RMD9, mitochondrial'
2 polymer "RNA (5'-R(*AP*UP*AP*AP*AP*AP*UP*AP*AP*CP*AP*UP*UP*CP*UP*U)-3')"
3 non-polymer 'CHLORIDE ION'
4 water water
#
loop_
_entity_poly.entity_id
_entity_poly.type
_entity_poly.pdbx_seq_one_letter_code
_entity_poly.pdbx_strand_id
1 'polypeptide(L)'
;MSHHHHHHKNVPKGVLDKKNGREQRKTEQNVFNVDPASPWRHELLSFDECVSSALKYSTTPLQNTYKRIGNNQLNKNPSF
AMFWDSMGRAMELYYSLRESPDFNAYRVSRLIHLLHNGLRSTRDQLVKLSRKPDYDSQSFHKEMMNFL(CAS)NSLKDIS
DDILIGKVSVSGYGATHLLTSFKELSFDDDCIRIWEASKNLSDETTSQAFQEPKVVGFMLPLLYAKTRSLTEPNELYNQI
IQSKEFIHPNLYSGLIKVFIKAEDYEKALSLFGQL(CAS)EKAEVRNYGYLIETHLSFIGDSKNLTLAESFFDKIINDEM
PYKIILQVSTVNSFLQNIWKAQNDFDHVYRIWEKAVKFYGNTVNPGILSSLNNTFFTIFFENYINDNINGFRKLQEIITF
YSGVKKIDEPFFNVMLTRASIWHERSIIDFIDKNYTLYHIPRTIISYRILLKSLGSIDNTNNEEILDRWLELVKKLNELG
QQYIANADLSALRDATVVWSQSKRDEKVFSAKAKGTPATTTTTEDDIKVPKPLENLKNEDSTSNSEDRIELYLKILKRYT
PYFRATKQVYRYTTGCAESYPILNEYLSGYSDLSAEDIPVPQLHSFIAKEQ
;
A
2 'polyribonucleotide' AUAAAAUAACAUUCUUAAUU B
#
loop_
_chem_comp.id
_chem_comp.type
_chem_comp.name
_chem_comp.formula
A RNA linking ADENOSINE-5'-MONOPHOSPHATE 'C10 H14 N5 O7 P'
C RNA linking CYTIDINE-5'-MONOPHOSPHATE 'C9 H14 N3 O8 P'
CL non-polymer 'CHLORIDE ION' 'Cl -1'
U RNA linking URIDINE-5'-MONOPHOSPHATE 'C9 H13 N2 O9 P'
#
# COMPACT_ATOMS: atom_id res chain seq x y z
N ALA A 37 21.91 17.93 39.32
CA ALA A 37 22.09 18.57 38.02
C ALA A 37 22.19 17.52 36.91
N SER A 38 22.36 16.26 37.30
CA SER A 38 22.49 15.15 36.36
C SER A 38 21.65 13.97 36.82
N PRO A 39 20.32 14.08 36.73
CA PRO A 39 19.46 12.92 37.01
C PRO A 39 19.59 11.91 35.88
N TRP A 40 19.44 12.40 34.66
CA TRP A 40 19.65 11.64 33.44
C TRP A 40 20.26 12.56 32.38
N ARG A 41 21.35 13.23 32.76
CA ARG A 41 21.92 14.29 31.93
C ARG A 41 22.47 13.74 30.62
N HIS A 42 23.41 12.80 30.70
CA HIS A 42 24.06 12.30 29.48
C HIS A 42 23.07 11.66 28.54
N GLU A 43 22.09 10.93 29.07
CA GLU A 43 21.09 10.30 28.22
C GLU A 43 20.19 11.35 27.57
N LEU A 44 20.01 12.51 28.22
CA LEU A 44 19.27 13.59 27.59
C LEU A 44 20.09 14.22 26.46
N LEU A 45 21.41 14.32 26.65
CA LEU A 45 22.26 14.92 25.63
C LEU A 45 22.32 14.06 24.38
N SER A 46 22.59 12.76 24.54
CA SER A 46 22.64 11.85 23.41
C SER A 46 21.26 11.69 22.77
N PHE A 47 20.20 11.87 23.53
CA PHE A 47 18.86 11.84 22.96
C PHE A 47 18.68 12.98 21.95
N ASP A 48 19.06 14.20 22.34
CA ASP A 48 18.91 15.34 21.43
C ASP A 48 19.79 15.21 20.21
N GLU A 49 20.91 14.50 20.32
CA GLU A 49 21.82 14.37 19.18
C GLU A 49 21.23 13.46 18.10
N CYS A 50 20.86 12.23 18.48
CA CYS A 50 20.38 11.27 17.49
C CYS A 50 19.01 11.64 16.96
N VAL A 51 18.14 12.22 17.80
CA VAL A 51 16.81 12.61 17.35
C VAL A 51 16.90 13.75 16.35
N SER A 52 17.70 14.77 16.65
CA SER A 52 17.86 15.89 15.72
C SER A 52 18.59 15.45 14.45
N SER A 53 19.57 14.54 14.59
CA SER A 53 20.30 14.08 13.42
C SER A 53 19.41 13.23 12.52
N ALA A 54 18.56 12.39 13.11
CA ALA A 54 17.67 11.56 12.30
C ALA A 54 16.52 12.36 11.72
N LEU A 55 16.05 13.38 12.44
CA LEU A 55 15.02 14.26 11.88
C LEU A 55 15.57 15.09 10.73
N LYS A 56 16.81 15.55 10.85
CA LYS A 56 17.42 16.30 9.75
C LYS A 56 17.63 15.41 8.53
N TYR A 57 17.89 14.12 8.74
CA TYR A 57 18.05 13.21 7.62
C TYR A 57 16.72 12.96 6.92
N SER A 58 15.65 12.74 7.69
CA SER A 58 14.35 12.42 7.11
C SER A 58 13.64 13.62 6.52
N THR A 59 14.17 14.83 6.69
CA THR A 59 13.56 16.02 6.12
C THR A 59 14.37 16.65 5.00
N THR A 60 15.61 16.18 4.78
CA THR A 60 16.46 16.68 3.70
C THR A 60 16.55 15.64 2.59
N PRO A 61 16.58 16.06 1.32
CA PRO A 61 16.67 15.14 0.20
C PRO A 61 17.99 14.38 0.14
N LYS A 76 23.44 -0.79 2.58
CA LYS A 76 23.10 0.42 1.82
C LYS A 76 24.09 1.53 2.15
N ASN A 77 23.58 2.76 2.29
CA ASN A 77 24.38 3.94 2.59
C ASN A 77 24.57 4.10 4.10
N PRO A 78 25.68 4.71 4.53
CA PRO A 78 25.89 4.87 5.98
C PRO A 78 24.87 5.78 6.64
N SER A 79 24.50 6.89 5.99
CA SER A 79 23.48 7.76 6.56
C SER A 79 22.14 7.07 6.68
N PHE A 80 21.85 6.14 5.76
CA PHE A 80 20.62 5.34 5.86
C PHE A 80 20.65 4.46 7.10
N ALA A 81 21.79 3.80 7.35
CA ALA A 81 21.92 3.00 8.55
C ALA A 81 21.95 3.86 9.81
N MET A 82 22.50 5.07 9.72
CA MET A 82 22.49 5.99 10.86
C MET A 82 21.08 6.35 11.25
N PHE A 83 20.19 6.53 10.27
CA PHE A 83 18.83 6.97 10.54
C PHE A 83 18.06 5.94 11.38
N TRP A 84 18.10 4.67 10.95
CA TRP A 84 17.34 3.65 11.65
C TRP A 84 17.95 3.29 12.98
N ASP A 85 19.28 3.31 13.08
CA ASP A 85 19.92 3.02 14.36
C ASP A 85 19.68 4.14 15.36
N SER A 86 19.60 5.39 14.89
CA SER A 86 19.30 6.50 15.78
C SER A 86 17.90 6.37 16.37
N MET A 87 16.95 5.87 15.59
CA MET A 87 15.59 5.71 16.08
C MET A 87 15.51 4.64 17.16
N GLY A 88 16.16 3.49 16.92
CA GLY A 88 16.23 2.48 17.96
C GLY A 88 16.99 2.96 19.18
N ARG A 89 18.04 3.74 18.97
CA ARG A 89 18.76 4.34 20.10
C ARG A 89 17.87 5.35 20.83
N ALA A 90 17.17 6.20 20.08
CA ALA A 90 16.28 7.18 20.70
C ALA A 90 15.15 6.48 21.45
N MET A 91 14.61 5.40 20.89
CA MET A 91 13.58 4.65 21.59
C MET A 91 14.15 3.91 22.79
N GLU A 92 15.43 3.52 22.71
CA GLU A 92 16.09 2.92 23.86
C GLU A 92 16.22 3.92 25.01
N LEU A 93 16.69 5.13 24.70
CA LEU A 93 16.84 6.16 25.72
C LEU A 93 15.51 6.66 26.24
N TYR A 94 14.43 6.50 25.46
CA TYR A 94 13.13 7.01 25.88
C TYR A 94 12.66 6.34 27.17
N TYR A 95 12.75 5.01 27.24
CA TYR A 95 12.27 4.30 28.43
C TYR A 95 13.09 4.66 29.66
N SER A 96 14.37 5.03 29.47
CA SER A 96 15.17 5.52 30.58
C SER A 96 14.81 6.96 30.93
N LEU A 97 14.64 7.81 29.92
CA LEU A 97 14.29 9.20 30.14
C LEU A 97 12.81 9.40 30.46
N ARG A 98 12.00 8.35 30.39
CA ARG A 98 10.58 8.50 30.67
C ARG A 98 10.33 8.87 32.12
N GLU A 99 11.21 8.45 33.03
CA GLU A 99 11.06 8.78 34.43
C GLU A 99 11.59 10.17 34.78
N SER A 100 12.39 10.77 33.89
CA SER A 100 12.99 12.05 34.20
C SER A 100 11.96 13.18 34.07
N PRO A 101 11.95 14.13 35.00
CA PRO A 101 11.08 15.30 34.84
C PRO A 101 11.59 16.30 33.83
N ASP A 102 12.88 16.27 33.49
CA ASP A 102 13.47 17.15 32.49
C ASP A 102 13.21 16.67 31.07
N PHE A 103 12.30 15.72 30.88
CA PHE A 103 11.92 15.24 29.56
C PHE A 103 10.87 16.18 29.00
N ASN A 104 11.33 17.20 28.27
CA ASN A 104 10.43 18.23 27.74
C ASN A 104 9.37 17.61 26.85
N ALA A 105 8.17 18.22 26.86
CA ALA A 105 7.17 17.87 25.87
C ALA A 105 7.70 18.13 24.46
N TYR A 106 8.68 19.02 24.33
CA TYR A 106 9.34 19.25 23.05
C TYR A 106 10.15 18.02 22.64
N ARG A 107 10.96 17.48 23.56
CA ARG A 107 11.80 16.34 23.23
C ARG A 107 10.96 15.12 22.88
N VAL A 108 9.84 14.94 23.57
CA VAL A 108 8.97 13.79 23.27
C VAL A 108 8.22 14.01 21.97
N SER A 109 7.85 15.26 21.69
CA SER A 109 7.22 15.56 20.40
C SER A 109 8.20 15.34 19.25
N ARG A 110 9.49 15.61 19.48
CA ARG A 110 10.50 15.35 18.46
C ARG A 110 10.64 13.85 18.21
N LEU A 111 10.47 13.03 19.25
CA LEU A 111 10.54 11.58 19.07
C LEU A 111 9.34 11.07 18.30
N ILE A 112 8.15 11.54 18.66
CA ILE A 112 6.93 11.14 17.95
C ILE A 112 7.00 11.54 16.49
N HIS A 113 7.49 12.75 16.22
CA HIS A 113 7.69 13.18 14.83
C HIS A 113 8.69 12.28 14.12
N LEU A 114 9.75 11.87 14.82
CA LEU A 114 10.75 10.99 14.23
C LEU A 114 10.15 9.63 13.90
N LEU A 115 9.37 9.06 14.82
CA LEU A 115 8.71 7.78 14.56
C LEU A 115 7.72 7.91 13.42
N HIS A 116 7.08 9.07 13.28
CA HIS A 116 6.17 9.30 12.17
C HIS A 116 6.92 9.29 10.84
N ASN A 117 8.05 10.00 10.78
CA ASN A 117 8.88 9.99 9.58
C ASN A 117 9.44 8.60 9.32
N GLY A 118 9.61 7.78 10.37
CA GLY A 118 10.02 6.41 10.14
C GLY A 118 8.97 5.61 9.41
N LEU A 119 7.70 5.80 9.76
CA LEU A 119 6.61 5.16 9.01
C LEU A 119 6.60 5.62 7.56
N ARG A 120 6.82 6.91 7.33
CA ARG A 120 6.86 7.43 5.96
C ARG A 120 8.02 6.83 5.19
N SER A 121 9.18 6.66 5.83
CA SER A 121 10.33 6.09 5.16
C SER A 121 10.16 4.60 4.90
N THR A 122 9.57 3.89 5.87
CA THR A 122 9.38 2.44 5.71
C THR A 122 8.42 2.15 4.55
N ARG A 123 7.37 2.96 4.40
CA ARG A 123 6.47 2.78 3.27
C ARG A 123 7.17 3.11 1.96
N ASP A 124 8.00 4.15 1.94
CA ASP A 124 8.72 4.51 0.73
C ASP A 124 9.72 3.44 0.33
N GLN A 125 10.32 2.76 1.30
CA GLN A 125 11.24 1.67 0.98
C GLN A 125 10.50 0.48 0.37
N LEU A 126 9.27 0.24 0.81
CA LEU A 126 8.51 -0.89 0.29
C LEU A 126 8.23 -0.71 -1.20
N VAL A 127 7.85 0.50 -1.61
CA VAL A 127 7.50 0.74 -3.01
C VAL A 127 8.74 0.84 -3.88
N LYS A 128 9.91 1.14 -3.30
CA LYS A 128 11.13 1.26 -4.08
C LYS A 128 11.75 -0.09 -4.42
N LEU A 129 11.33 -1.17 -3.76
CA LEU A 129 11.86 -2.49 -4.06
C LEU A 129 11.46 -2.93 -5.46
N SER A 130 12.27 -3.83 -6.02
CA SER A 130 11.96 -4.40 -7.33
C SER A 130 10.66 -5.20 -7.30
N ARG A 131 10.28 -5.71 -6.12
CA ARG A 131 9.01 -6.40 -5.95
C ARG A 131 8.67 -6.43 -4.47
N LYS A 132 7.41 -6.71 -4.18
CA LYS A 132 6.98 -6.81 -2.80
C LYS A 132 7.51 -8.09 -2.17
N PRO A 133 8.04 -8.02 -0.94
CA PRO A 133 8.49 -9.25 -0.27
C PRO A 133 7.32 -10.16 0.06
N ASP A 134 7.61 -11.46 0.09
CA ASP A 134 6.58 -12.44 0.39
C ASP A 134 6.12 -12.31 1.84
N TYR A 135 4.81 -12.51 2.05
CA TYR A 135 4.24 -12.33 3.38
C TYR A 135 4.81 -13.32 4.38
N ASP A 136 5.17 -14.52 3.93
CA ASP A 136 5.64 -15.58 4.81
C ASP A 136 7.15 -15.55 5.05
N SER A 137 7.83 -14.48 4.63
CA SER A 137 9.26 -14.36 4.79
C SER A 137 9.60 -13.15 5.64
N GLN A 138 10.84 -13.12 6.12
CA GLN A 138 11.32 -11.98 6.89
C GLN A 138 11.56 -10.81 5.96
N SER A 139 11.10 -9.62 6.35
CA SER A 139 11.27 -8.42 5.55
C SER A 139 11.49 -7.24 6.48
N PHE A 140 12.32 -6.30 6.01
CA PHE A 140 12.56 -5.07 6.76
C PHE A 140 11.27 -4.27 6.94
N HIS A 141 10.45 -4.22 5.89
CA HIS A 141 9.21 -3.44 5.95
C HIS A 141 8.29 -3.93 7.05
N LYS A 142 8.19 -5.26 7.22
CA LYS A 142 7.26 -5.81 8.20
C LYS A 142 7.74 -5.55 9.63
N GLU A 143 9.00 -5.87 9.92
CA GLU A 143 9.48 -5.74 11.28
C GLU A 143 9.62 -4.29 11.70
N MET A 144 10.16 -3.44 10.82
CA MET A 144 10.33 -2.03 11.16
C MET A 144 8.99 -1.35 11.41
N MET A 145 7.96 -1.74 10.64
CA MET A 145 6.64 -1.15 10.84
C MET A 145 6.07 -1.53 12.20
N ASN A 146 6.26 -2.79 12.62
CA ASN A 146 5.78 -3.22 13.92
C ASN A 146 6.54 -2.55 15.05
N PHE A 147 7.85 -2.37 14.88
CA PHE A 147 8.64 -1.69 15.90
C PHE A 147 8.19 -0.24 16.07
N LEU A 148 7.92 0.44 14.96
CA LEU A 148 7.45 1.81 14.99
C LEU A 148 6.08 1.93 15.63
N CAS A 149 5.17 1.04 15.24
CA CAS A 149 3.81 1.03 15.74
CB CAS A 149 2.98 -0.02 15.00
C CAS A 149 3.79 0.78 17.24
O CAS A 149 3.08 1.49 17.99
SG CAS A 149 1.41 -0.28 15.86
AS CAS A 149 0.51 -2.24 15.22
CE1 CAS A 149 0.46 -3.47 16.75
CE2 CAS A 149 1.63 -3.02 13.80
N ASN A 150 4.55 -0.22 17.69
CA ASN A 150 4.63 -0.55 19.10
C ASN A 150 5.27 0.57 19.90
N SER A 151 6.26 1.22 19.30
CA SER A 151 6.89 2.37 19.96
C SER A 151 5.90 3.50 20.14
N LEU A 152 5.10 3.79 19.10
CA LEU A 152 4.09 4.82 19.21
C LEU A 152 2.97 4.40 20.16
N LYS A 153 2.67 3.11 20.24
CA LYS A 153 1.63 2.64 21.15
C LYS A 153 2.07 2.82 22.60
N ASP A 154 3.36 2.63 22.88
CA ASP A 154 3.85 2.81 24.24
C ASP A 154 3.81 4.28 24.65
N ILE A 155 4.18 5.17 23.74
CA ILE A 155 4.21 6.59 24.07
C ILE A 155 2.80 7.12 24.29
N SER A 156 1.85 6.68 23.47
CA SER A 156 0.46 7.14 23.63
C SER A 156 -0.09 6.74 25.00
N ASP A 157 0.17 5.51 25.43
CA ASP A 157 -0.31 5.07 26.74
C ASP A 157 0.36 5.84 27.86
N ASP A 158 1.65 6.17 27.71
CA ASP A 158 2.33 6.98 28.71
C ASP A 158 1.74 8.39 28.78
N ILE A 159 1.29 8.92 27.65
CA ILE A 159 0.63 10.23 27.65
C ILE A 159 -0.73 10.14 28.34
N LEU A 160 -1.48 9.08 28.06
CA LEU A 160 -2.79 8.90 28.67
C LEU A 160 -2.66 8.59 30.16
N ILE A 161 -1.60 7.88 30.56
CA ILE A 161 -1.38 7.62 31.99
C ILE A 161 -0.97 8.91 32.69
N GLY A 162 -0.14 9.72 32.06
CA GLY A 162 0.37 10.94 32.65
C GLY A 162 1.85 10.95 32.96
N LYS A 163 2.58 9.91 32.56
CA LYS A 163 4.02 9.87 32.81
C LYS A 163 4.76 10.93 31.99
N VAL A 164 4.31 11.17 30.76
CA VAL A 164 5.05 11.98 29.80
C VAL A 164 4.13 13.03 29.19
N SER A 165 4.64 14.25 29.08
CA SER A 165 3.91 15.36 28.47
C SER A 165 4.16 15.41 26.97
N VAL A 166 3.30 16.17 26.28
CA VAL A 166 3.38 16.33 24.84
C VAL A 166 2.74 17.66 24.46
N SER A 167 3.17 18.21 23.33
CA SER A 167 2.62 19.45 22.80
C SER A 167 1.66 19.15 21.65
N GLY A 168 1.01 20.21 21.15
CA GLY A 168 0.13 20.05 20.01
C GLY A 168 0.84 19.60 18.76
N TYR A 169 2.12 19.98 18.63
CA TYR A 169 2.90 19.52 17.49
C TYR A 169 3.22 18.04 17.60
N GLY A 170 3.45 17.55 18.81
CA GLY A 170 3.60 16.12 19.00
C GLY A 170 2.30 15.36 18.98
N ALA A 171 1.22 16.00 19.41
CA ALA A 171 -0.10 15.35 19.38
C ALA A 171 -0.55 15.10 17.95
N THR A 172 -0.28 16.03 17.04
CA THR A 172 -0.66 15.85 15.65
C THR A 172 0.09 14.67 15.02
N HIS A 173 1.40 14.60 15.25
CA HIS A 173 2.19 13.51 14.68
C HIS A 173 1.80 12.16 15.27
N LEU A 174 1.39 12.14 16.54
CA LEU A 174 0.96 10.88 17.17
C LEU A 174 -0.36 10.41 16.56
N LEU A 175 -1.31 11.32 16.37
CA LEU A 175 -2.60 10.94 15.83
C LEU A 175 -2.53 10.67 14.34
N THR A 176 -1.71 11.43 13.61
CA THR A 176 -1.52 11.17 12.18
C THR A 176 -0.88 9.81 11.95
N SER A 177 0.03 9.41 12.85
CA SER A 177 0.68 8.11 12.72
C SER A 177 -0.33 6.98 12.88
N PHE A 178 -1.19 7.07 13.91
CA PHE A 178 -2.20 6.04 14.10
C PHE A 178 -3.21 6.02 12.96
N LYS A 179 -3.48 7.18 12.35
CA LYS A 179 -4.36 7.21 11.19
C LYS A 179 -3.70 6.50 10.00
N GLU A 180 -2.40 6.74 9.78
CA GLU A 180 -1.68 6.06 8.73
C GLU A 180 -1.56 4.56 9.00
N LEU A 181 -1.65 4.14 10.26
CA LEU A 181 -1.66 2.74 10.62
C LEU A 181 -3.06 2.13 10.62
N SER A 182 -4.05 2.85 10.09
CA SER A 182 -5.43 2.39 10.03
C SER A 182 -6.00 2.12 11.42
N PHE A 183 -5.74 3.03 12.35
CA PHE A 183 -6.31 2.97 13.69
C PHE A 183 -7.17 4.18 13.95
N ASP A 184 -8.16 4.42 13.08
CA ASP A 184 -8.94 5.65 13.17
C ASP A 184 -9.77 5.72 14.44
N ASP A 185 -10.35 4.59 14.85
CA ASP A 185 -11.16 4.57 16.07
C ASP A 185 -10.31 4.87 17.30
N ASP A 186 -9.06 4.40 17.30
CA ASP A 186 -8.18 4.69 18.42
C ASP A 186 -7.78 6.17 18.46
N CYS A 187 -7.71 6.82 17.30
CA CYS A 187 -7.40 8.25 17.26
C CYS A 187 -8.45 9.06 18.01
N ILE A 188 -9.73 8.70 17.84
CA ILE A 188 -10.79 9.43 18.51
C ILE A 188 -10.76 9.17 20.02
N ARG A 189 -10.39 7.94 20.41
CA ARG A 189 -10.41 7.62 21.83
C ARG A 189 -9.25 8.28 22.57
N ILE A 190 -8.08 8.37 21.93
CA ILE A 190 -6.95 9.05 22.55
C ILE A 190 -7.22 10.55 22.64
N TRP A 191 -7.85 11.12 21.61
CA TRP A 191 -8.14 12.55 21.61
C TRP A 191 -9.18 12.90 22.67
N GLU A 192 -10.21 12.07 22.82
CA GLU A 192 -11.24 12.35 23.82
C GLU A 192 -10.75 12.08 25.23
N ALA A 193 -9.90 11.06 25.40
CA ALA A 193 -9.33 10.78 26.70
C ALA A 193 -8.30 11.81 27.13
N SER A 194 -7.72 12.55 26.17
CA SER A 194 -6.77 13.59 26.52
C SER A 194 -7.44 14.74 27.25
N LYS A 195 -8.74 14.95 27.00
CA LYS A 195 -9.45 16.03 27.68
C LYS A 195 -9.55 15.77 29.18
N ASN A 196 -9.68 14.51 29.58
CA ASN A 196 -9.72 14.13 31.00
C ASN A 196 -8.31 13.73 31.43
N LEU A 197 -7.46 14.74 31.61
CA LEU A 197 -6.10 14.53 32.09
C LEU A 197 -5.75 15.58 33.13
N SER A 198 -4.90 15.18 34.08
CA SER A 198 -4.49 16.10 35.14
C SER A 198 -3.72 17.28 34.57
N ASP A 199 -2.67 17.02 33.80
CA ASP A 199 -1.84 18.07 33.22
C ASP A 199 -2.64 18.80 32.16
N GLU A 200 -3.10 20.01 32.48
CA GLU A 200 -3.83 20.81 31.51
C GLU A 200 -2.98 21.09 30.27
N THR A 201 -1.66 21.21 30.45
CA THR A 201 -0.78 21.53 29.34
C THR A 201 -0.91 20.50 28.21
N THR A 202 -0.90 19.22 28.57
CA THR A 202 -1.11 18.18 27.57
C THR A 202 -2.54 18.17 27.08
N SER A 203 -3.50 18.44 27.98
CA SER A 203 -4.90 18.46 27.58
C SER A 203 -5.20 19.65 26.68
N GLN A 204 -4.61 20.81 26.97
CA GLN A 204 -4.78 21.96 26.09
C GLN A 204 -4.09 21.74 24.75
N ALA A 205 -3.03 20.92 24.71
CA ALA A 205 -2.34 20.65 23.46
C ALA A 205 -3.22 19.88 22.50
N PHE A 206 -3.96 18.89 23.00
CA PHE A 206 -4.85 18.10 22.16
C PHE A 206 -6.09 18.87 21.73
N GLN A 207 -6.31 20.08 22.26
CA GLN A 207 -7.43 20.91 21.84
C GLN A 207 -6.99 22.08 20.97
N GLU A 208 -5.71 22.16 20.62
CA GLU A 208 -5.22 23.23 19.77
C GLU A 208 -5.82 23.11 18.36
N PRO A 209 -5.93 24.22 17.63
CA PRO A 209 -6.60 24.18 16.32
C PRO A 209 -5.98 23.19 15.34
N LYS A 210 -4.66 23.00 15.36
CA LYS A 210 -4.05 22.07 14.43
C LYS A 210 -4.42 20.62 14.75
N VAL A 211 -4.64 20.31 16.03
CA VAL A 211 -5.11 18.97 16.38
C VAL A 211 -6.58 18.82 16.00
N VAL A 212 -7.38 19.87 16.21
CA VAL A 212 -8.78 19.82 15.82
C VAL A 212 -8.91 19.68 14.30
N GLY A 213 -8.00 20.31 13.56
CA GLY A 213 -8.02 20.17 12.11
C GLY A 213 -7.83 18.74 11.65
N PHE A 214 -6.94 18.00 12.31
CA PHE A 214 -6.78 16.59 11.97
C PHE A 214 -8.03 15.79 12.31
N MET A 215 -8.79 16.22 13.32
CA MET A 215 -9.93 15.46 13.83
C MET A 215 -11.21 15.70 13.05
N LEU A 216 -11.34 16.85 12.39
CA LEU A 216 -12.57 17.17 11.65
C LEU A 216 -12.96 16.11 10.63
N PRO A 217 -12.06 15.59 9.79
CA PRO A 217 -12.49 14.54 8.84
C PRO A 217 -12.94 13.27 9.52
N LEU A 218 -12.31 12.88 10.62
CA LEU A 218 -12.75 11.69 11.34
C LEU A 218 -14.10 11.89 12.00
N LEU A 219 -14.40 13.10 12.46
CA LEU A 219 -15.68 13.35 13.12
C LEU A 219 -16.83 13.33 12.13
N TYR A 220 -16.62 13.88 10.93
CA TYR A 220 -17.67 13.86 9.92
C TYR A 220 -17.91 12.45 9.40
N ALA A 221 -16.87 11.61 9.35
CA ALA A 221 -17.05 10.24 8.91
C ALA A 221 -17.86 9.44 9.93
N LYS A 222 -17.63 9.71 11.22
CA LYS A 222 -18.29 8.93 12.26
C LYS A 222 -19.69 9.44 12.57
N THR A 223 -19.89 10.76 12.54
CA THR A 223 -21.14 11.36 12.99
C THR A 223 -21.98 11.97 11.88
N ARG A 224 -21.41 12.22 10.70
CA ARG A 224 -22.05 12.92 9.60
C ARG A 224 -22.54 14.31 9.98
N SER A 225 -22.05 14.87 11.08
CA SER A 225 -22.54 16.14 11.58
C SER A 225 -21.85 17.30 10.87
N LEU A 226 -22.63 18.27 10.42
CA LEU A 226 -22.11 19.48 9.82
C LEU A 226 -22.38 20.72 10.68
N THR A 227 -22.83 20.52 11.92
CA THR A 227 -23.14 21.65 12.79
C THR A 227 -21.88 22.42 13.16
N GLU A 228 -20.92 21.76 13.81
CA GLU A 228 -19.66 22.42 14.15
C GLU A 228 -18.85 22.82 12.92
N PRO A 229 -18.75 22.01 11.85
CA PRO A 229 -18.05 22.51 10.65
C PRO A 229 -18.66 23.78 10.07
N ASN A 230 -19.99 23.85 9.98
CA ASN A 230 -20.61 25.07 9.49
C ASN A 230 -20.41 26.23 10.46
N GLU A 231 -20.31 25.94 11.76
CA GLU A 231 -19.96 26.97 12.72
C GLU A 231 -18.57 27.53 12.44
N LEU A 232 -17.59 26.64 12.21
CA LEU A 232 -16.23 27.10 11.99
C LEU A 232 -16.09 27.83 10.66
N TYR A 233 -16.82 27.40 9.63
CA TYR A 233 -16.75 28.08 8.34
C TYR A 233 -17.20 29.53 8.45
N ASN A 234 -18.28 29.78 9.20
CA ASN A 234 -18.75 31.15 9.38
C ASN A 234 -17.76 31.99 10.16
N GLN A 235 -17.01 31.37 11.07
CA GLN A 235 -16.03 32.11 11.85
C GLN A 235 -14.72 32.30 11.09
N ILE A 236 -14.24 31.23 10.45
CA ILE A 236 -12.94 31.27 9.80
C ILE A 236 -12.93 32.22 8.61
N ILE A 237 -14.01 32.24 7.83
CA ILE A 237 -14.07 33.07 6.63
C ILE A 237 -13.94 34.55 7.00
N GLN A 238 -14.61 34.97 8.07
CA GLN A 238 -14.63 36.37 8.45
C GLN A 238 -13.52 36.75 9.43
N SER A 239 -12.77 35.77 9.93
CA SER A 239 -11.77 36.06 10.96
C SER A 239 -10.58 36.80 10.39
N LYS A 240 -10.10 37.80 11.14
CA LYS A 240 -8.88 38.53 10.82
C LYS A 240 -7.68 38.01 11.59
N GLU A 241 -7.88 37.03 12.47
CA GLU A 241 -6.81 36.48 13.28
C GLU A 241 -6.12 35.33 12.54
N PHE A 242 -5.06 34.80 13.15
CA PHE A 242 -4.35 33.67 12.55
C PHE A 242 -5.19 32.41 12.66
N ILE A 243 -5.30 31.69 11.54
CA ILE A 243 -6.02 30.42 11.48
C ILE A 243 -5.04 29.37 10.98
N HIS A 244 -4.85 28.32 11.77
CA HIS A 244 -3.83 27.33 11.45
C HIS A 244 -4.16 26.63 10.13
N PRO A 245 -3.17 26.38 9.28
CA PRO A 245 -3.47 25.74 7.98
C PRO A 245 -4.08 24.36 8.11
N ASN A 246 -3.68 23.59 9.13
CA ASN A 246 -4.27 22.26 9.30
C ASN A 246 -5.75 22.34 9.66
N LEU A 247 -6.17 23.44 10.30
CA LEU A 247 -7.59 23.66 10.53
C LEU A 247 -8.31 23.94 9.22
N TYR A 248 -7.69 24.73 8.33
CA TYR A 248 -8.21 24.90 6.98
C TYR A 248 -8.32 23.55 6.28
N SER A 249 -7.24 22.77 6.31
CA SER A 249 -7.19 21.53 5.54
C SER A 249 -8.25 20.54 6.02
N GLY A 250 -8.37 20.35 7.33
CA GLY A 250 -9.36 19.41 7.84
C GLY A 250 -10.78 19.82 7.51
N LEU A 251 -11.05 21.14 7.53
CA LEU A 251 -12.40 21.61 7.22
C LEU A 251 -12.69 21.50 5.73
N ILE A 252 -11.68 21.70 4.89
CA ILE A 252 -11.86 21.55 3.44
C ILE A 252 -12.23 20.12 3.09
N LYS A 253 -11.53 19.15 3.71
CA LYS A 253 -11.81 17.75 3.43
C LYS A 253 -13.24 17.37 3.82
N VAL A 254 -13.73 17.92 4.92
CA VAL A 254 -15.09 17.62 5.36
C VAL A 254 -16.10 18.12 4.34
N PHE A 255 -15.90 19.36 3.86
CA PHE A 255 -16.83 19.93 2.89
C PHE A 255 -16.73 19.24 1.53
N ILE A 256 -15.55 18.71 1.20
CA ILE A 256 -15.42 17.95 -0.04
C ILE A 256 -16.24 16.67 0.04
N LYS A 257 -16.16 15.98 1.18
CA LYS A 257 -16.96 14.76 1.35
C LYS A 257 -18.45 15.08 1.39
N ALA A 258 -18.82 16.18 2.04
CA ALA A 258 -20.21 16.61 2.08
C ALA A 258 -20.67 17.27 0.78
N GLU A 259 -19.77 17.42 -0.19
CA GLU A 259 -20.05 18.01 -1.50
C GLU A 259 -20.51 19.45 -1.40
N ASP A 260 -20.15 20.15 -0.32
CA ASP A 260 -20.33 21.60 -0.25
C ASP A 260 -19.08 22.26 -0.83
N TYR A 261 -18.94 22.13 -2.16
CA TYR A 261 -17.70 22.49 -2.82
C TYR A 261 -17.44 24.00 -2.76
N GLU A 262 -18.50 24.82 -2.73
CA GLU A 262 -18.29 26.26 -2.67
C GLU A 262 -17.63 26.67 -1.36
N LYS A 263 -18.04 26.05 -0.26
CA LYS A 263 -17.38 26.31 1.01
C LYS A 263 -15.98 25.73 1.05
N ALA A 264 -15.76 24.60 0.36
CA ALA A 264 -14.43 24.02 0.29
C ALA A 264 -13.50 24.87 -0.57
N LEU A 265 -13.98 25.32 -1.73
CA LEU A 265 -13.16 26.15 -2.60
C LEU A 265 -12.88 27.51 -1.98
N SER A 266 -13.83 28.05 -1.23
CA SER A 266 -13.62 29.34 -0.57
C SER A 266 -12.55 29.24 0.50
N LEU A 267 -12.58 28.18 1.31
CA LEU A 267 -11.54 27.97 2.30
C LEU A 267 -10.19 27.67 1.64
N PHE A 268 -10.21 26.96 0.52
CA PHE A 268 -8.97 26.65 -0.19
C PHE A 268 -8.32 27.91 -0.73
N GLY A 269 -9.11 28.92 -1.10
CA GLY A 269 -8.54 30.17 -1.54
C GLY A 269 -7.86 30.93 -0.43
N GLN A 270 -8.44 30.91 0.77
CA GLN A 270 -7.81 31.55 1.92
C GLN A 270 -6.55 30.82 2.35
N LEU A 271 -6.56 29.49 2.29
CA LEU A 271 -5.38 28.71 2.59
C LEU A 271 -4.27 29.03 1.59
N CAS A 272 -4.68 29.30 0.35
CA CAS A 272 -3.75 29.59 -0.73
CB CAS A 272 -4.49 29.61 -2.05
C CAS A 272 -3.04 30.92 -0.50
O CAS A 272 -1.81 31.02 -0.72
SG CAS A 272 -3.96 28.23 -3.10
AS CAS A 272 -3.09 29.07 -4.99
CE1 CAS A 272 -4.53 29.80 -6.10
CE2 CAS A 272 -1.84 30.51 -4.53
N GLU A 273 -3.78 31.94 -0.08
CA GLU A 273 -3.24 33.29 0.05
C GLU A 273 -2.42 33.47 1.33
N LYS A 274 -2.63 32.56 2.29
CA LYS A 274 -1.95 32.62 3.57
C LYS A 274 -0.78 31.65 3.68
N ALA A 275 -0.71 30.65 2.79
CA ALA A 275 0.29 29.60 2.92
C ALA A 275 1.71 30.14 2.79
N GLU A 276 2.62 29.54 3.56
CA GLU A 276 4.03 29.87 3.51
C GLU A 276 4.78 28.80 2.73
N VAL A 277 5.85 29.22 2.06
CA VAL A 277 6.64 28.31 1.22
C VAL A 277 7.21 27.17 2.05
N ARG A 278 7.59 27.44 3.30
CA ARG A 278 8.19 26.40 4.13
C ARG A 278 7.18 25.34 4.53
N ASN A 279 5.90 25.68 4.59
CA ASN A 279 4.84 24.76 5.03
C ASN A 279 3.72 24.70 4.01
N TYR A 280 4.08 24.53 2.74
CA TYR A 280 3.10 24.45 1.66
C TYR A 280 2.43 23.10 1.57
N GLY A 281 2.83 22.13 2.39
CA GLY A 281 2.29 20.79 2.28
C GLY A 281 0.79 20.70 2.50
N TYR A 282 0.24 21.66 3.26
CA TYR A 282 -1.21 21.70 3.42
C TYR A 282 -1.93 21.91 2.09
N LEU A 283 -1.29 22.62 1.17
CA LEU A 283 -1.89 22.81 -0.15
C LEU A 283 -1.89 21.52 -0.96
N ILE A 284 -0.93 20.63 -0.69
CA ILE A 284 -0.87 19.36 -1.42
C ILE A 284 -2.00 18.45 -0.98
N GLU A 285 -2.17 18.30 0.35
CA GLU A 285 -3.22 17.41 0.86
C GLU A 285 -4.59 17.83 0.36
N THR A 286 -4.90 19.12 0.43
CA THR A 286 -6.21 19.60 0.03
C THR A 286 -6.41 19.48 -1.48
N HIS A 287 -5.38 19.83 -2.26
CA HIS A 287 -5.48 19.71 -3.71
C HIS A 287 -5.73 18.26 -4.12
N LEU A 288 -5.01 17.32 -3.50
CA LEU A 288 -5.23 15.92 -3.80
C LEU A 288 -6.59 15.45 -3.30
N SER A 289 -7.09 16.04 -2.21
CA SER A 289 -8.40 15.67 -1.71
C SER A 289 -9.50 16.05 -2.70
N PHE A 290 -9.34 17.17 -3.40
CA PHE A 290 -10.28 17.53 -4.45
C PHE A 290 -10.30 16.51 -5.58
N ILE A 291 -9.18 15.82 -5.79
CA ILE A 291 -9.09 14.89 -6.92
C ILE A 291 -9.67 13.53 -6.55
N GLY A 292 -9.29 13.00 -5.40
CA GLY A 292 -9.66 11.63 -5.05
C GLY A 292 -10.86 11.48 -4.14
N ASP A 293 -11.37 12.58 -3.59
CA ASP A 293 -12.49 12.52 -2.66
C ASP A 293 -13.74 13.26 -3.13
N SER A 294 -13.65 14.07 -4.18
CA SER A 294 -14.81 14.79 -4.68
C SER A 294 -15.65 13.89 -5.57
N LYS A 295 -16.92 13.70 -5.20
CA LYS A 295 -17.83 12.94 -6.05
C LYS A 295 -18.17 13.69 -7.33
N ASN A 296 -17.99 15.02 -7.34
CA ASN A 296 -18.15 15.82 -8.55
C ASN A 296 -16.93 15.59 -9.43
N LEU A 297 -17.07 14.74 -10.45
CA LEU A 297 -15.94 14.36 -11.28
C LEU A 297 -15.45 15.50 -12.15
N THR A 298 -16.30 16.49 -12.44
CA THR A 298 -15.85 17.64 -13.20
C THR A 298 -14.87 18.49 -12.40
N LEU A 299 -15.17 18.70 -11.12
CA LEU A 299 -14.26 19.46 -10.26
C LEU A 299 -13.00 18.66 -9.98
N ALA A 300 -13.13 17.33 -9.82
CA ALA A 300 -11.96 16.50 -9.53
C ALA A 300 -11.01 16.47 -10.72
N GLU A 301 -11.55 16.49 -11.94
CA GLU A 301 -10.71 16.48 -13.13
C GLU A 301 -10.06 17.84 -13.37
N SER A 302 -10.73 18.93 -13.00
CA SER A 302 -10.11 20.25 -13.13
C SER A 302 -8.87 20.36 -12.27
N PHE A 303 -8.93 19.88 -11.03
CA PHE A 303 -7.75 19.85 -10.17
C PHE A 303 -6.73 18.83 -10.66
N PHE A 304 -7.19 17.77 -11.32
CA PHE A 304 -6.26 16.79 -11.88
C PHE A 304 -5.45 17.40 -13.02
N ASP A 305 -6.10 18.15 -13.90
CA ASP A 305 -5.39 18.79 -15.00
C ASP A 305 -4.48 19.91 -14.51
N LYS A 306 -4.78 20.49 -13.34
CA LYS A 306 -3.92 21.52 -12.79
C LYS A 306 -2.54 20.95 -12.44
N ILE A 307 -2.48 19.67 -12.09
CA ILE A 307 -1.18 19.03 -11.87
C ILE A 307 -0.56 18.62 -13.21
N ILE A 308 -1.37 18.10 -14.12
CA ILE A 308 -0.87 17.67 -15.43
C ILE A 308 -0.29 18.86 -16.20
N ASN A 309 -0.99 19.99 -16.15
CA ASN A 309 -0.56 21.19 -16.88
C ASN A 309 0.36 22.08 -16.05
N ASP A 310 0.71 21.67 -14.83
CA ASP A 310 1.67 22.40 -13.99
C ASP A 310 1.20 23.83 -13.74
N GLU A 311 -0.08 24.00 -13.40
CA GLU A 311 -0.67 25.32 -13.23
C GLU A 311 -0.54 25.86 -11.81
N MET A 312 -0.07 25.07 -10.87
CA MET A 312 -0.11 25.62 -9.52
C MET A 312 1.24 26.24 -9.15
N PRO A 313 1.23 27.31 -8.34
CA PRO A 313 2.49 27.92 -7.92
C PRO A 313 3.30 27.06 -6.98
N TYR A 314 2.67 26.13 -6.27
CA TYR A 314 3.36 25.25 -5.34
C TYR A 314 3.68 23.92 -6.00
N LYS A 315 4.77 23.29 -5.55
CA LYS A 315 5.11 21.96 -6.02
C LYS A 315 4.10 20.96 -5.48
N ILE A 316 3.82 19.93 -6.28
CA ILE A 316 2.82 18.93 -5.91
C ILE A 316 3.10 17.66 -6.70
N ILE A 317 3.00 16.52 -6.00
CA ILE A 317 3.17 15.21 -6.61
C ILE A 317 1.81 14.69 -7.03
N LEU A 318 1.80 13.84 -8.06
CA LEU A 318 0.58 13.15 -8.49
C LEU A 318 0.51 11.82 -7.75
N GLN A 319 0.08 11.91 -6.49
CA GLN A 319 0.00 10.74 -5.62
C GLN A 319 -0.88 9.67 -6.27
N VAL A 320 -0.31 8.49 -6.49
CA VAL A 320 -1.00 7.45 -7.23
C VAL A 320 -2.23 6.97 -6.47
N SER A 321 -2.20 7.03 -5.14
CA SER A 321 -3.38 6.67 -4.36
C SER A 321 -4.52 7.63 -4.66
N THR A 322 -4.20 8.91 -4.87
CA THR A 322 -5.23 9.88 -5.26
C THR A 322 -5.75 9.59 -6.66
N VAL A 323 -4.86 9.21 -7.58
CA VAL A 323 -5.27 8.88 -8.94
C VAL A 323 -6.12 7.61 -8.95
N ASN A 324 -5.71 6.61 -8.16
CA ASN A 324 -6.47 5.36 -8.11
C ASN A 324 -7.89 5.60 -7.60
N SER A 325 -8.04 6.44 -6.59
CA SER A 325 -9.38 6.77 -6.11
C SER A 325 -10.17 7.54 -7.16
N PHE A 326 -9.50 8.41 -7.91
CA PHE A 326 -10.18 9.17 -8.96
C PHE A 326 -10.65 8.25 -10.08
N LEU A 327 -9.79 7.32 -10.50
CA LEU A 327 -10.18 6.37 -11.54
C LEU A 327 -11.36 5.51 -11.09
N GLN A 328 -11.33 5.06 -9.83
CA GLN A 328 -12.42 4.22 -9.33
C GLN A 328 -13.72 5.01 -9.21
N ASN A 329 -13.63 6.31 -8.91
CA ASN A 329 -14.85 7.12 -8.83
C ASN A 329 -15.44 7.35 -10.21
N ILE A 330 -14.60 7.50 -11.24
CA ILE A 330 -15.10 7.63 -12.60
C ILE A 330 -15.80 6.35 -13.04
N TRP A 331 -15.22 5.20 -12.70
CA TRP A 331 -15.78 3.93 -13.12
C TRP A 331 -17.07 3.61 -12.39
N LYS A 332 -17.14 3.91 -11.09
CA LYS A 332 -18.34 3.61 -10.32
C LYS A 332 -19.49 4.55 -10.65
N ALA A 333 -19.18 5.80 -11.02
CA ALA A 333 -20.22 6.78 -11.26
C ALA A 333 -20.70 6.81 -12.71
N GLN A 334 -19.80 6.57 -13.66
CA GLN A 334 -20.12 6.74 -15.08
C GLN A 334 -20.10 5.45 -15.88
N ASN A 335 -19.36 4.42 -15.45
CA ASN A 335 -19.18 3.20 -16.23
C ASN A 335 -18.61 3.50 -17.61
N ASP A 336 -17.82 4.57 -17.70
CA ASP A 336 -17.24 5.05 -18.95
C ASP A 336 -15.76 4.66 -18.95
N PHE A 337 -15.42 3.59 -19.66
CA PHE A 337 -14.04 3.13 -19.70
C PHE A 337 -13.15 4.11 -20.46
N ASP A 338 -13.67 4.75 -21.51
CA ASP A 338 -12.89 5.73 -22.25
C ASP A 338 -12.44 6.87 -21.35
N HIS A 339 -13.32 7.33 -20.46
CA HIS A 339 -12.94 8.37 -19.51
C HIS A 339 -11.86 7.86 -18.55
N VAL A 340 -11.99 6.62 -18.09
CA VAL A 340 -10.95 6.00 -17.25
C VAL A 340 -9.65 5.89 -18.05
N TYR A 341 -9.75 5.46 -19.32
CA TYR A 341 -8.56 5.29 -20.13
C TYR A 341 -7.87 6.63 -20.42
N ARG A 342 -8.64 7.71 -20.54
CA ARG A 342 -8.05 9.01 -20.81
C ARG A 342 -7.27 9.54 -19.61
N ILE A 343 -7.81 9.33 -18.41
CA ILE A 343 -7.09 9.75 -17.20
C ILE A 343 -5.85 8.90 -16.99
N TRP A 344 -5.95 7.60 -17.23
CA TRP A 344 -4.80 6.71 -17.08
C TRP A 344 -3.70 7.09 -18.04
N GLU A 345 -4.05 7.48 -19.27
CA GLU A 345 -3.04 7.89 -20.24
C GLU A 345 -2.27 9.11 -19.74
N LYS A 346 -2.98 10.12 -19.23
CA LYS A 346 -2.32 11.33 -18.74
C LYS A 346 -1.43 11.00 -17.54
N ALA A 347 -1.87 10.09 -16.67
CA ALA A 347 -1.06 9.72 -15.51
C ALA A 347 0.22 9.02 -15.94
N VAL A 348 0.14 8.14 -16.93
CA VAL A 348 1.34 7.44 -17.40
C VAL A 348 2.31 8.44 -18.03
N LYS A 349 1.79 9.39 -18.81
CA LYS A 349 2.66 10.40 -19.40
C LYS A 349 3.27 11.30 -18.34
N PHE A 350 2.52 11.60 -17.27
CA PHE A 350 3.05 12.44 -16.20
C PHE A 350 4.16 11.72 -15.44
N TYR A 351 3.94 10.44 -15.13
CA TYR A 351 4.96 9.67 -14.42
C TYR A 351 6.17 9.42 -15.29
N GLY A 352 5.99 8.69 -16.39
CA GLY A 352 7.12 8.37 -17.25
C GLY A 352 8.11 7.49 -16.52
N ASN A 353 9.39 7.85 -16.60
CA ASN A 353 10.46 7.16 -15.87
C ASN A 353 10.87 7.91 -14.62
N THR A 354 10.10 8.91 -14.20
CA THR A 354 10.49 9.73 -13.06
C THR A 354 10.24 9.03 -11.73
N VAL A 355 9.15 8.27 -11.63
CA VAL A 355 8.73 7.69 -10.37
C VAL A 355 9.21 6.25 -10.27
N ASN A 356 9.11 5.68 -9.08
CA ASN A 356 9.52 4.30 -8.85
C ASN A 356 8.59 3.34 -9.59
N PRO A 357 9.08 2.16 -9.96
CA PRO A 357 8.22 1.20 -10.66
C PRO A 357 7.04 0.71 -9.82
N GLY A 358 7.14 0.77 -8.50
CA GLY A 358 6.02 0.38 -7.66
C GLY A 358 4.83 1.31 -7.74
N ILE A 359 5.06 2.57 -8.14
CA ILE A 359 3.97 3.52 -8.28
C ILE A 359 3.15 3.19 -9.53
N LEU A 360 3.84 2.98 -10.66
CA LEU A 360 3.13 2.60 -11.89
C LEU A 360 2.49 1.22 -11.76
N SER A 361 3.03 0.35 -10.90
CA SER A 361 2.40 -0.93 -10.64
C SER A 361 1.06 -0.75 -9.94
N SER A 362 1.00 0.18 -8.98
CA SER A 362 -0.27 0.45 -8.31
C SER A 362 -1.28 1.08 -9.27
N LEU A 363 -0.82 1.97 -10.15
CA LEU A 363 -1.71 2.58 -11.13
C LEU A 363 -2.25 1.54 -12.10
N ASN A 364 -1.36 0.71 -12.64
CA ASN A 364 -1.80 -0.31 -13.60
C ASN A 364 -2.68 -1.36 -12.94
N ASN A 365 -2.50 -1.61 -11.65
CA ASN A 365 -3.38 -2.53 -10.94
C ASN A 365 -4.81 -2.00 -10.93
N THR A 366 -4.98 -0.70 -10.67
CA THR A 366 -6.30 -0.10 -10.70
C THR A 366 -6.85 -0.05 -12.11
N PHE A 367 -6.00 0.26 -13.09
CA PHE A 367 -6.46 0.43 -14.47
C PHE A 367 -6.89 -0.90 -15.08
N PHE A 368 -6.06 -1.94 -14.94
CA PHE A 368 -6.38 -3.21 -15.57
C PHE A 368 -7.48 -3.95 -14.85
N THR A 369 -7.66 -3.71 -13.54
CA THR A 369 -8.83 -4.25 -12.86
C THR A 369 -10.12 -3.69 -13.45
N ILE A 370 -10.13 -2.38 -13.72
CA ILE A 370 -11.27 -1.77 -14.38
C ILE A 370 -11.41 -2.28 -15.81
N PHE A 371 -10.28 -2.44 -16.51
CA PHE A 371 -10.31 -2.88 -17.90
C PHE A 371 -11.01 -4.22 -18.04
N PHE A 372 -10.52 -5.23 -17.31
CA PHE A 372 -11.07 -6.58 -17.47
C PHE A 372 -12.44 -6.74 -16.84
N GLU A 373 -12.85 -5.82 -15.96
CA GLU A 373 -14.26 -5.78 -15.57
C GLU A 373 -15.12 -5.27 -16.72
N ASN A 374 -14.61 -4.30 -17.48
CA ASN A 374 -15.37 -3.77 -18.63
C ASN A 374 -15.43 -4.79 -19.76
N TYR A 375 -14.29 -5.39 -20.10
CA TYR A 375 -14.20 -6.40 -21.15
C TYR A 375 -14.30 -7.82 -20.62
N ILE A 376 -15.15 -8.03 -19.60
CA ILE A 376 -15.26 -9.36 -19.00
C ILE A 376 -15.87 -10.37 -19.99
N ASN A 377 -16.72 -9.90 -20.90
CA ASN A 377 -17.39 -10.77 -21.86
C ASN A 377 -17.00 -10.44 -23.30
N ASP A 378 -15.85 -9.80 -23.52
CA ASP A 378 -15.43 -9.43 -24.87
C ASP A 378 -13.89 -9.48 -24.91
N ASN A 379 -13.36 -10.68 -25.13
CA ASN A 379 -11.93 -10.85 -25.33
C ASN A 379 -11.50 -10.45 -26.74
N ILE A 380 -12.44 -10.28 -27.67
CA ILE A 380 -12.10 -9.94 -29.04
C ILE A 380 -11.77 -8.45 -29.14
N ASN A 381 -12.74 -7.58 -28.80
CA ASN A 381 -12.45 -6.15 -28.76
C ASN A 381 -11.48 -5.82 -27.63
N GLY A 382 -11.46 -6.64 -26.56
CA GLY A 382 -10.52 -6.39 -25.49
C GLY A 382 -9.08 -6.63 -25.90
N PHE A 383 -8.84 -7.64 -26.73
CA PHE A 383 -7.49 -7.93 -27.18
C PHE A 383 -6.96 -6.82 -28.09
N ARG A 384 -7.80 -6.31 -28.99
CA ARG A 384 -7.40 -5.19 -29.82
C ARG A 384 -7.16 -3.94 -28.97
N LYS A 385 -7.97 -3.76 -27.92
CA LYS A 385 -7.78 -2.62 -27.03
C LYS A 385 -6.47 -2.75 -26.25
N LEU A 386 -6.13 -3.96 -25.82
CA LEU A 386 -4.87 -4.18 -25.12
C LEU A 386 -3.68 -3.81 -26.00
N GLN A 387 -3.75 -4.15 -27.29
CA GLN A 387 -2.66 -3.82 -28.21
C GLN A 387 -2.47 -2.30 -28.30
N GLU A 388 -3.58 -1.56 -28.38
CA GLU A 388 -3.49 -0.10 -28.35
C GLU A 388 -2.89 0.40 -27.04
N ILE A 389 -3.24 -0.25 -25.92
CA ILE A 389 -2.69 0.12 -24.63
C ILE A 389 -1.20 -0.19 -24.58
N ILE A 390 -0.79 -1.33 -25.13
CA ILE A 390 0.62 -1.71 -25.14
C ILE A 390 1.42 -0.74 -26.00
N THR A 391 0.87 -0.33 -27.15
CA THR A 391 1.58 0.60 -28.00
C THR A 391 1.77 1.95 -27.32
N PHE A 392 0.72 2.46 -26.66
CA PHE A 392 0.83 3.73 -25.94
C PHE A 392 1.85 3.62 -24.82
N TYR A 393 1.78 2.55 -24.03
CA TYR A 393 2.69 2.39 -22.89
C TYR A 393 4.14 2.31 -23.35
N SER A 394 4.38 1.67 -24.50
CA SER A 394 5.73 1.59 -25.02
C SER A 394 6.25 2.96 -25.44
N GLY A 395 5.38 3.79 -26.01
CA GLY A 395 5.78 5.12 -26.42
C GLY A 395 6.15 6.05 -25.28
N VAL A 396 5.67 5.77 -24.07
CA VAL A 396 6.00 6.62 -22.93
C VAL A 396 7.32 6.22 -22.30
N LYS A 397 7.55 4.92 -22.11
CA LYS A 397 8.75 4.44 -21.43
C LYS A 397 8.96 2.97 -21.78
N LYS A 398 10.07 2.41 -21.31
CA LYS A 398 10.28 0.98 -21.41
C LYS A 398 9.30 0.26 -20.49
N ILE A 399 8.74 -0.86 -20.98
CA ILE A 399 7.73 -1.57 -20.23
C ILE A 399 8.35 -2.24 -19.02
N ASP A 400 7.72 -2.07 -17.86
CA ASP A 400 8.12 -2.78 -16.66
C ASP A 400 7.34 -4.08 -16.53
N GLU A 401 7.88 -5.00 -15.73
CA GLU A 401 7.24 -6.30 -15.57
C GLU A 401 5.87 -6.22 -14.90
N PRO A 402 5.64 -5.41 -13.86
CA PRO A 402 4.29 -5.36 -13.29
C PRO A 402 3.21 -4.97 -14.28
N PHE A 403 3.58 -4.25 -15.36
CA PHE A 403 2.59 -3.89 -16.37
C PHE A 403 1.97 -5.12 -16.99
N PHE A 404 2.79 -6.08 -17.42
CA PHE A 404 2.26 -7.32 -17.98
C PHE A 404 1.84 -8.30 -16.89
N ASN A 405 2.44 -8.22 -15.70
CA ASN A 405 2.03 -9.09 -14.60
C ASN A 405 0.58 -8.81 -14.20
N VAL A 406 0.23 -7.53 -14.04
CA VAL A 406 -1.14 -7.17 -13.72
C VAL A 406 -2.07 -7.57 -14.86
N MET A 407 -1.65 -7.31 -16.09
CA MET A 407 -2.49 -7.63 -17.24
C MET A 407 -2.77 -9.13 -17.33
N LEU A 408 -1.73 -9.95 -17.15
CA LEU A 408 -1.91 -11.39 -17.23
C LEU A 408 -2.77 -11.92 -16.08
N THR A 409 -2.62 -11.34 -14.89
CA THR A 409 -3.39 -11.80 -13.75
C THR A 409 -4.88 -11.58 -13.97
N ARG A 410 -5.27 -10.35 -14.29
CA ARG A 410 -6.69 -10.02 -14.48
C ARG A 410 -7.26 -10.63 -15.75
N ALA A 411 -6.41 -11.04 -16.69
CA ALA A 411 -6.91 -11.67 -17.92
C ALA A 411 -7.39 -13.09 -17.71
N SER A 412 -7.34 -13.61 -16.48
CA SER A 412 -7.76 -14.98 -16.22
C SER A 412 -9.26 -15.18 -16.41
N ILE A 413 -10.05 -14.12 -16.32
CA ILE A 413 -11.50 -14.25 -16.53
C ILE A 413 -11.83 -14.50 -17.99
N TRP A 414 -10.89 -14.25 -18.91
CA TRP A 414 -11.13 -14.58 -20.31
C TRP A 414 -11.00 -16.08 -20.56
N HIS A 415 -10.21 -16.78 -19.74
CA HIS A 415 -10.08 -18.24 -19.81
C HIS A 415 -9.64 -18.71 -21.19
N GLU A 416 -8.66 -18.01 -21.78
CA GLU A 416 -8.13 -18.38 -23.08
C GLU A 416 -6.61 -18.49 -23.00
N ARG A 417 -6.05 -19.48 -23.70
CA ARG A 417 -4.61 -19.72 -23.68
C ARG A 417 -3.85 -18.71 -24.53
N SER A 418 -4.48 -18.18 -25.57
CA SER A 418 -3.78 -17.27 -26.48
C SER A 418 -3.28 -16.03 -25.77
N ILE A 419 -4.05 -15.51 -24.80
CA ILE A 419 -3.64 -14.31 -24.09
C ILE A 419 -2.48 -14.63 -23.14
N ILE A 420 -2.38 -15.89 -22.69
CA ILE A 420 -1.26 -16.28 -21.83
C ILE A 420 0.02 -16.35 -22.64
N ASP A 421 -0.04 -17.00 -23.81
CA ASP A 421 1.12 -17.06 -24.69
C ASP A 421 1.47 -15.68 -25.25
N PHE A 422 0.47 -14.81 -25.40
CA PHE A 422 0.73 -13.45 -25.87
C PHE A 422 1.56 -12.66 -24.84
N ILE A 423 1.16 -12.72 -23.57
CA ILE A 423 1.88 -12.01 -22.54
C ILE A 423 3.26 -12.60 -22.32
N ASP A 424 3.37 -13.93 -22.38
CA ASP A 424 4.65 -14.58 -22.14
C ASP A 424 5.68 -14.16 -23.20
N LYS A 425 5.27 -14.11 -24.46
CA LYS A 425 6.19 -13.70 -25.52
C LYS A 425 6.52 -12.21 -25.44
N ASN A 426 5.63 -11.40 -24.89
CA ASN A 426 5.88 -9.97 -24.81
C ASN A 426 6.93 -9.64 -23.75
N TYR A 427 7.11 -10.52 -22.75
CA TYR A 427 8.21 -10.35 -21.80
C TYR A 427 9.55 -10.31 -22.52
N THR A 428 9.76 -11.26 -23.45
CA THR A 428 11.01 -11.31 -24.20
C THR A 428 11.02 -10.29 -25.34
N LEU A 429 9.85 -10.06 -25.96
CA LEU A 429 9.80 -9.16 -27.12
C LEU A 429 10.14 -7.73 -26.72
N TYR A 430 9.70 -7.30 -25.55
CA TYR A 430 9.97 -5.96 -25.07
C TYR A 430 11.17 -5.90 -24.12
N HIS A 431 11.90 -7.00 -23.96
CA HIS A 431 13.12 -7.06 -23.17
C HIS A 431 12.87 -6.58 -21.74
N ILE A 432 12.03 -7.32 -21.03
CA ILE A 432 11.60 -6.93 -19.69
C ILE A 432 12.55 -7.54 -18.66
N PRO A 433 13.13 -6.75 -17.76
CA PRO A 433 13.85 -7.33 -16.62
C PRO A 433 12.90 -8.15 -15.77
N ARG A 434 13.18 -9.45 -15.69
CA ARG A 434 12.24 -10.41 -15.13
C ARG A 434 12.42 -10.57 -13.62
N THR A 435 11.32 -10.76 -12.92
CA THR A 435 11.29 -11.14 -11.52
C THR A 435 10.55 -12.48 -11.41
N ILE A 436 10.49 -13.01 -10.19
CA ILE A 436 9.78 -14.27 -9.96
C ILE A 436 8.27 -14.10 -10.00
N ILE A 437 7.77 -12.86 -10.00
CA ILE A 437 6.33 -12.63 -10.00
C ILE A 437 5.71 -13.16 -11.29
N SER A 438 6.34 -12.88 -12.43
CA SER A 438 5.79 -13.31 -13.70
C SER A 438 5.74 -14.84 -13.80
N TYR A 439 6.80 -15.52 -13.36
CA TYR A 439 6.81 -16.98 -13.41
C TYR A 439 5.75 -17.58 -12.49
N ARG A 440 5.45 -16.90 -11.37
CA ARG A 440 4.37 -17.36 -10.51
C ARG A 440 3.02 -17.19 -11.20
N ILE A 441 2.79 -16.03 -11.83
CA ILE A 441 1.53 -15.78 -12.49
C ILE A 441 1.36 -16.68 -13.71
N LEU A 442 2.45 -16.89 -14.46
CA LEU A 442 2.39 -17.78 -15.62
C LEU A 442 2.01 -19.19 -15.22
N LEU A 443 2.45 -19.65 -14.05
CA LEU A 443 2.02 -20.95 -13.55
C LEU A 443 0.57 -20.91 -13.09
N LYS A 444 0.19 -19.85 -12.37
CA LYS A 444 -1.18 -19.72 -11.89
C LYS A 444 -2.18 -19.60 -13.04
N SER A 445 -1.73 -19.03 -14.17
CA SER A 445 -2.64 -18.81 -15.30
C SER A 445 -3.16 -20.13 -15.87
N LEU A 446 -2.41 -21.22 -15.70
CA LEU A 446 -2.84 -22.51 -16.24
C LEU A 446 -4.09 -23.04 -15.55
N GLY A 447 -4.42 -22.55 -14.35
CA GLY A 447 -5.62 -22.98 -13.67
C GLY A 447 -6.91 -22.37 -14.19
N SER A 448 -6.81 -21.39 -15.08
CA SER A 448 -7.99 -20.73 -15.65
C SER A 448 -8.30 -21.21 -17.06
N ILE A 449 -7.56 -22.19 -17.58
CA ILE A 449 -7.78 -22.72 -18.92
C ILE A 449 -7.82 -24.23 -18.86
N ASP A 450 -8.51 -24.82 -19.84
CA ASP A 450 -8.54 -26.26 -20.02
C ASP A 450 -7.53 -26.75 -21.05
N ASN A 451 -7.18 -25.93 -22.03
CA ASN A 451 -6.25 -26.31 -23.10
C ASN A 451 -4.82 -26.25 -22.55
N THR A 452 -4.53 -27.17 -21.63
CA THR A 452 -3.20 -27.30 -21.04
C THR A 452 -3.00 -28.75 -20.62
N ASN A 453 -1.74 -29.10 -20.36
CA ASN A 453 -1.37 -30.46 -20.01
C ASN A 453 -0.50 -30.46 -18.77
N ASN A 454 -0.40 -31.62 -18.11
CA ASN A 454 0.46 -31.75 -16.95
C ASN A 454 1.92 -31.51 -17.31
N GLU A 455 2.29 -31.73 -18.57
CA GLU A 455 3.65 -31.44 -19.02
C GLU A 455 3.95 -29.95 -18.95
N GLU A 456 3.00 -29.12 -19.39
CA GLU A 456 3.20 -27.67 -19.33
C GLU A 456 3.16 -27.18 -17.89
N ILE A 457 2.30 -27.78 -17.06
CA ILE A 457 2.24 -27.39 -15.65
C ILE A 457 3.57 -27.62 -14.98
N LEU A 458 4.16 -28.79 -15.22
CA LEU A 458 5.48 -29.08 -14.66
C LEU A 458 6.55 -28.19 -15.28
N ASP A 459 6.42 -27.89 -16.57
CA ASP A 459 7.42 -27.05 -17.24
C ASP A 459 7.44 -25.64 -16.64
N ARG A 460 6.26 -25.08 -16.40
CA ARG A 460 6.20 -23.74 -15.80
C ARG A 460 6.53 -23.76 -14.32
N TRP A 461 6.43 -24.92 -13.66
CA TRP A 461 6.92 -25.04 -12.30
C TRP A 461 8.44 -25.10 -12.28
N LEU A 462 9.02 -25.86 -13.21
CA LEU A 462 10.47 -25.94 -13.29
C LEU A 462 11.09 -24.58 -13.62
N GLU A 463 10.48 -23.84 -14.55
CA GLU A 463 10.96 -22.51 -14.88
C GLU A 463 10.91 -21.59 -13.66
N LEU A 464 9.91 -21.77 -12.80
CA LEU A 464 9.82 -20.98 -11.58
C LEU A 464 10.95 -21.33 -10.62
N VAL A 465 11.15 -22.63 -10.37
CA VAL A 465 12.20 -23.06 -9.46
C VAL A 465 13.57 -22.62 -9.95
N LYS A 466 13.77 -22.66 -11.28
CA LYS A 466 15.03 -22.21 -11.84
C LYS A 466 15.23 -20.72 -11.60
N LYS A 467 14.19 -19.92 -11.81
CA LYS A 467 14.29 -18.49 -11.59
C LYS A 467 14.40 -18.16 -10.10
N LEU A 468 13.76 -18.96 -9.24
CA LEU A 468 13.94 -18.79 -7.80
C LEU A 468 15.41 -18.95 -7.42
N ASN A 469 16.04 -20.03 -7.91
CA ASN A 469 17.44 -20.25 -7.61
C ASN A 469 18.34 -19.27 -8.35
N GLU A 470 17.94 -18.86 -9.56
CA GLU A 470 18.73 -17.90 -10.31
C GLU A 470 18.76 -16.55 -9.62
N LEU A 471 17.62 -16.13 -9.05
CA LEU A 471 17.52 -14.86 -8.34
C LEU A 471 17.89 -14.98 -6.87
N GLY A 472 18.52 -16.09 -6.47
CA GLY A 472 19.04 -16.21 -5.13
C GLY A 472 18.01 -16.40 -4.05
N GLN A 473 16.84 -16.95 -4.37
CA GLN A 473 15.84 -17.23 -3.35
C GLN A 473 16.30 -18.37 -2.46
N GLN A 474 15.95 -18.28 -1.17
CA GLN A 474 16.41 -19.26 -0.20
C GLN A 474 15.64 -20.57 -0.33
N TYR A 475 14.33 -20.52 -0.18
CA TYR A 475 13.50 -21.72 -0.23
C TYR A 475 12.30 -21.47 -1.15
N ILE A 476 11.30 -22.33 -1.05
CA ILE A 476 10.05 -22.20 -1.79
C ILE A 476 9.05 -21.50 -0.89
N ALA A 477 8.57 -20.33 -1.31
CA ALA A 477 7.65 -19.55 -0.51
C ALA A 477 6.22 -20.05 -0.68
N ASN A 478 5.31 -19.47 0.11
CA ASN A 478 3.90 -19.81 -0.01
C ASN A 478 3.34 -19.44 -1.38
N ALA A 479 3.74 -18.28 -1.91
CA ALA A 479 3.23 -17.83 -3.20
C ALA A 479 3.63 -18.79 -4.32
N ASP A 480 4.77 -19.44 -4.20
CA ASP A 480 5.18 -20.42 -5.21
C ASP A 480 4.25 -21.63 -5.20
N LEU A 481 3.94 -22.15 -4.00
CA LEU A 481 3.07 -23.31 -3.91
C LEU A 481 1.61 -22.95 -4.21
N SER A 482 1.19 -21.73 -3.85
CA SER A 482 -0.17 -21.32 -4.16
C SER A 482 -0.41 -21.23 -5.66
N ALA A 483 0.60 -20.79 -6.41
CA ALA A 483 0.49 -20.77 -7.87
C ALA A 483 0.34 -22.18 -8.43
N LEU A 484 1.07 -23.14 -7.85
CA LEU A 484 0.90 -24.53 -8.25
C LEU A 484 -0.46 -25.07 -7.81
N ARG A 485 -0.92 -24.66 -6.63
CA ARG A 485 -2.23 -25.09 -6.14
C ARG A 485 -3.35 -24.57 -7.02
N ASP A 486 -3.25 -23.31 -7.46
CA ASP A 486 -4.30 -22.74 -8.31
C ASP A 486 -4.34 -23.35 -9.69
N ALA A 487 -3.22 -23.91 -10.16
CA ALA A 487 -3.16 -24.54 -11.48
C ALA A 487 -3.59 -26.00 -11.47
N THR A 488 -3.86 -26.57 -10.30
CA THR A 488 -4.21 -27.99 -10.21
C THR A 488 -5.47 -28.21 -9.38
N VAL A 489 -5.37 -28.00 -8.06
CA VAL A 489 -6.47 -28.33 -7.17
C VAL A 489 -7.68 -27.44 -7.46
N VAL A 490 -7.45 -26.13 -7.60
CA VAL A 490 -8.56 -25.20 -7.80
C VAL A 490 -9.26 -25.47 -9.13
N TRP A 491 -8.48 -25.77 -10.17
CA TRP A 491 -9.07 -26.08 -11.47
C TRP A 491 -9.88 -27.38 -11.41
N SER A 492 -9.36 -28.39 -10.72
CA SER A 492 -10.09 -29.65 -10.59
C SER A 492 -11.35 -29.48 -9.75
N GLN A 493 -11.27 -28.70 -8.67
CA GLN A 493 -12.45 -28.46 -7.86
C GLN A 493 -13.52 -27.70 -8.62
N SER A 494 -13.11 -26.75 -9.47
CA SER A 494 -14.07 -25.98 -10.25
C SER A 494 -14.78 -26.85 -11.26
N LYS A 495 -14.08 -27.82 -11.86
CA LYS A 495 -14.70 -28.70 -12.85
C LYS A 495 -15.72 -29.62 -12.19
N ARG A 496 -15.43 -30.10 -10.99
CA ARG A 496 -16.38 -30.98 -10.30
C ARG A 496 -17.62 -30.22 -9.86
N ASP A 497 -17.45 -28.98 -9.38
CA ASP A 497 -18.61 -28.18 -8.99
C ASP A 497 -19.51 -27.90 -10.19
N GLU A 498 -18.92 -27.73 -11.37
CA GLU A 498 -19.72 -27.54 -12.58
C GLU A 498 -20.54 -28.78 -12.91
N LYS A 499 -19.95 -29.97 -12.75
CA LYS A 499 -20.66 -31.20 -13.05
C LYS A 499 -21.83 -31.41 -12.09
N VAL A 500 -21.63 -31.13 -10.80
CA VAL A 500 -22.71 -31.29 -9.83
C VAL A 500 -23.80 -30.25 -10.07
N PHE A 501 -23.41 -29.03 -10.44
CA PHE A 501 -24.39 -27.97 -10.66
C PHE A 501 -25.17 -28.21 -11.96
N SER A 502 -24.51 -28.74 -12.98
CA SER A 502 -25.18 -28.97 -14.25
C SER A 502 -26.26 -30.04 -14.12
N ALA A 503 -25.99 -31.09 -13.35
CA ALA A 503 -26.96 -32.16 -13.15
C ALA A 503 -27.72 -31.95 -11.84
N SER A 537 -0.96 -35.99 -18.34
CA SER A 537 -1.96 -34.97 -18.62
C SER A 537 -3.34 -35.44 -18.22
N GLU A 538 -3.40 -36.56 -17.49
CA GLU A 538 -4.68 -37.15 -17.12
C GLU A 538 -5.25 -36.47 -15.87
N ASP A 539 -4.44 -36.31 -14.84
CA ASP A 539 -4.90 -35.81 -13.55
C ASP A 539 -4.04 -34.63 -13.12
N ARG A 540 -4.69 -33.53 -12.75
CA ARG A 540 -3.97 -32.34 -12.29
C ARG A 540 -3.52 -32.49 -10.85
N ILE A 541 -4.32 -33.15 -10.02
CA ILE A 541 -4.03 -33.24 -8.59
C ILE A 541 -2.86 -34.18 -8.33
N GLU A 542 -2.75 -35.25 -9.12
CA GLU A 542 -1.66 -36.20 -8.92
C GLU A 542 -0.31 -35.54 -9.16
N LEU A 543 -0.19 -34.73 -10.20
CA LEU A 543 1.04 -33.99 -10.43
C LEU A 543 1.30 -33.00 -9.31
N TYR A 544 0.24 -32.43 -8.74
CA TYR A 544 0.39 -31.46 -7.65
C TYR A 544 0.96 -32.12 -6.40
N LEU A 545 0.38 -33.24 -5.97
CA LEU A 545 0.89 -33.93 -4.80
C LEU A 545 2.25 -34.56 -5.05
N LYS A 546 2.56 -34.88 -6.31
CA LYS A 546 3.87 -35.43 -6.62
C LYS A 546 4.96 -34.37 -6.51
N ILE A 547 4.67 -33.15 -6.97
CA ILE A 547 5.65 -32.08 -6.87
C ILE A 547 5.84 -31.66 -5.42
N LEU A 548 4.76 -31.66 -4.63
CA LEU A 548 4.85 -31.29 -3.23
C LEU A 548 5.83 -32.17 -2.48
N LYS A 549 5.70 -33.49 -2.64
CA LYS A 549 6.60 -34.41 -1.95
C LYS A 549 8.03 -34.29 -2.46
N ARG A 550 8.20 -34.13 -3.78
CA ARG A 550 9.53 -34.07 -4.36
C ARG A 550 10.29 -32.83 -3.92
N TYR A 551 9.60 -31.72 -3.70
CA TYR A 551 10.22 -30.46 -3.33
C TYR A 551 10.00 -30.08 -1.87
N THR A 552 9.49 -31.00 -1.06
CA THR A 552 9.31 -30.71 0.37
C THR A 552 10.60 -30.32 1.07
N PRO A 553 11.75 -30.96 0.86
CA PRO A 553 12.98 -30.50 1.53
C PRO A 553 13.38 -29.07 1.16
N TYR A 554 12.90 -28.54 0.04
CA TYR A 554 13.19 -27.18 -0.35
C TYR A 554 12.18 -26.17 0.17
N PHE A 555 11.25 -26.61 1.04
CA PHE A 555 10.24 -25.71 1.57
C PHE A 555 10.85 -24.78 2.61
N ARG A 556 10.23 -23.59 2.74
CA ARG A 556 10.65 -22.67 3.78
C ARG A 556 10.30 -23.19 5.17
N ALA A 557 9.25 -24.01 5.27
CA ALA A 557 8.88 -24.65 6.52
C ALA A 557 8.06 -25.89 6.20
N THR A 558 8.27 -26.96 6.97
CA THR A 558 7.51 -28.18 6.76
C THR A 558 6.04 -28.02 7.12
N LYS A 559 5.67 -26.92 7.79
CA LYS A 559 4.26 -26.64 8.03
C LYS A 559 3.51 -26.34 6.74
N GLN A 560 4.23 -26.01 5.66
CA GLN A 560 3.61 -25.81 4.36
C GLN A 560 3.02 -27.09 3.81
N VAL A 561 3.47 -28.25 4.27
CA VAL A 561 2.89 -29.52 3.83
C VAL A 561 1.45 -29.62 4.30
N TYR A 562 1.21 -29.32 5.59
CA TYR A 562 -0.15 -29.29 6.11
C TYR A 562 -0.97 -28.18 5.44
N ARG A 563 -0.34 -27.04 5.18
CA ARG A 563 -1.06 -25.91 4.60
C ARG A 563 -1.58 -26.24 3.21
N TYR A 564 -0.79 -26.95 2.40
CA TYR A 564 -1.13 -27.22 1.01
C TYR A 564 -1.62 -28.65 0.79
N THR A 565 -2.04 -29.34 1.85
CA THR A 565 -2.68 -30.65 1.72
C THR A 565 -3.92 -30.72 2.59
N THR A 566 -3.73 -30.99 3.89
CA THR A 566 -4.87 -31.10 4.80
C THR A 566 -5.60 -29.76 4.92
N GLY A 567 -4.85 -28.67 5.12
CA GLY A 567 -5.49 -27.37 5.24
C GLY A 567 -6.11 -26.91 3.93
N CYS A 568 -5.47 -27.22 2.81
CA CYS A 568 -6.04 -26.85 1.51
C CYS A 568 -7.30 -27.64 1.21
N ALA A 569 -7.40 -28.87 1.71
CA ALA A 569 -8.59 -29.68 1.50
C ALA A 569 -9.79 -29.15 2.27
N GLU A 570 -9.57 -28.28 3.26
CA GLU A 570 -10.68 -27.69 3.99
C GLU A 570 -11.48 -26.74 3.11
N SER A 571 -10.81 -26.06 2.17
CA SER A 571 -11.50 -25.17 1.24
C SER A 571 -11.74 -25.81 -0.12
N TYR A 572 -11.00 -26.87 -0.45
CA TYR A 572 -11.16 -27.59 -1.71
C TYR A 572 -11.31 -29.07 -1.38
N PRO A 573 -12.53 -29.54 -1.13
CA PRO A 573 -12.70 -30.89 -0.58
C PRO A 573 -12.28 -32.01 -1.52
N ILE A 574 -12.11 -31.74 -2.82
CA ILE A 574 -11.69 -32.79 -3.74
C ILE A 574 -10.31 -33.33 -3.38
N LEU A 575 -9.53 -32.57 -2.61
CA LEU A 575 -8.20 -33.02 -2.23
C LEU A 575 -8.27 -34.15 -1.21
N ASN A 576 -9.35 -34.23 -0.42
CA ASN A 576 -9.46 -35.28 0.58
C ASN A 576 -9.51 -36.67 -0.05
N GLU A 577 -9.94 -36.74 -1.31
CA GLU A 577 -10.02 -38.01 -2.03
C GLU A 577 -8.66 -38.50 -2.49
N TYR A 578 -7.63 -37.66 -2.40
CA TYR A 578 -6.29 -38.01 -2.88
C TYR A 578 -5.26 -38.11 -1.76
N LEU A 579 -5.60 -37.71 -0.53
CA LEU A 579 -4.62 -37.57 0.53
C LEU A 579 -4.43 -38.82 1.38
N SER A 580 -5.27 -39.84 1.21
CA SER A 580 -5.09 -41.06 1.98
C SER A 580 -3.82 -41.80 1.58
N GLY A 581 -3.41 -41.69 0.31
CA GLY A 581 -2.21 -42.32 -0.18
C GLY A 581 -0.99 -41.42 -0.27
N TYR A 582 -1.04 -40.23 0.33
CA TYR A 582 0.10 -39.33 0.28
C TYR A 582 1.30 -39.87 1.05
N SER A 583 1.08 -40.86 1.93
CA SER A 583 2.18 -41.46 2.67
C SER A 583 3.07 -42.29 1.75
N ASP A 584 2.49 -42.94 0.75
CA ASP A 584 3.29 -43.68 -0.23
C ASP A 584 4.24 -42.73 -0.95
N LEU A 585 3.69 -41.71 -1.60
CA LEU A 585 4.46 -40.58 -2.13
C LEU A 585 5.49 -41.04 -3.17
N SER A 586 4.99 -41.67 -4.23
CA SER A 586 5.85 -42.00 -5.36
C SER A 586 6.11 -40.76 -6.19
N ALA A 587 7.38 -40.51 -6.51
CA ALA A 587 7.76 -39.30 -7.23
C ALA A 587 8.65 -39.65 -8.41
N GLU A 588 8.54 -38.84 -9.47
CA GLU A 588 9.37 -38.99 -10.66
C GLU A 588 9.54 -37.65 -11.37
N ASP A 589 9.67 -36.57 -10.60
CA ASP A 589 9.86 -35.23 -11.17
C ASP A 589 11.29 -35.04 -11.64
N ILE A 590 11.71 -33.80 -11.88
CA ILE A 590 13.05 -33.54 -12.39
C ILE A 590 13.57 -32.20 -11.86
N PRO A 591 14.01 -32.13 -10.60
CA PRO A 591 14.64 -30.89 -10.13
C PRO A 591 16.04 -30.73 -10.71
N VAL A 592 16.46 -29.47 -10.82
CA VAL A 592 17.81 -29.13 -11.27
C VAL A 592 18.25 -27.89 -10.53
N PRO A 593 18.52 -27.97 -9.23
CA PRO A 593 18.77 -26.77 -8.43
C PRO A 593 20.22 -26.28 -8.56
N GLN A 594 20.42 -25.04 -8.11
CA GLN A 594 21.73 -24.40 -8.10
C GLN A 594 21.68 -23.10 -7.32
N LEU A 595 22.50 -22.97 -6.28
CA LEU A 595 22.56 -21.77 -5.45
C LEU A 595 21.21 -21.48 -4.80
N HIS A 596 20.79 -22.40 -3.94
CA HIS A 596 19.50 -22.28 -3.26
C HIS A 596 19.53 -21.14 -2.24
CL CL C . 12.35 -11.40 -7.89
#